data_3GKI
#
_entry.id   3GKI
#
_cell.length_a   65.691
_cell.length_b   65.691
_cell.length_c   82.367
_cell.angle_alpha   90.00
_cell.angle_beta   90.00
_cell.angle_gamma   120.00
#
_symmetry.space_group_name_H-M   'P 64'
#
loop_
_entity.id
_entity.type
_entity.pdbx_description
1 polymer 'Niemann-Pick C1 protein'
2 branched 2-acetamido-2-deoxy-beta-D-glucopyranose-(1-4)-2-acetamido-2-deoxy-beta-D-glucopyranose
3 non-polymer 2-acetamido-2-deoxy-beta-D-glucopyranose
4 non-polymer CHOLESTEROL
5 water water
#
_entity_poly.entity_id   1
_entity_poly.type   'polypeptide(L)'
_entity_poly.pdbx_seq_one_letter_code
;GAQSCVWYGECGIAYGDKRYNCEYSGPPKPLPKDGYDLVQELCPGFFFGQVSLCCDVRQLQTLKDNLQLPLQFLSRCPSC
FYNLLNLFCELTCSPRQSQFLQVTATEDYVDPVTNQTKTNVKELQYYVGQSFANAMYNACRDVEAPSSNDKALGLLCGKD
ADACQATNWIEYMFNKDNGQAPFTITPVFSDFPVHGMEPMNNATKGCDESVDEVTAPCSCQDCSIVCGPKPQ
;
_entity_poly.pdbx_strand_id   A
#
# COMPACT_ATOMS: atom_id res chain seq x y z
N GLN A 3 -7.05 8.94 -17.68
CA GLN A 3 -6.58 8.55 -16.33
C GLN A 3 -6.37 9.79 -15.47
N SER A 4 -6.59 9.63 -14.16
CA SER A 4 -6.44 10.76 -13.26
C SER A 4 -5.91 10.39 -11.88
N CYS A 5 -5.11 11.28 -11.33
CA CYS A 5 -4.50 11.14 -10.00
C CYS A 5 -5.35 11.85 -8.95
N VAL A 6 -5.07 11.56 -7.68
CA VAL A 6 -5.56 12.37 -6.56
C VAL A 6 -4.40 13.07 -5.83
N TRP A 7 -3.18 12.56 -6.00
CA TRP A 7 -2.00 13.19 -5.43
C TRP A 7 -0.77 13.06 -6.32
N TYR A 8 0.26 13.84 -6.01
CA TYR A 8 1.56 13.72 -6.67
C TYR A 8 2.65 14.42 -5.83
N GLY A 9 3.61 13.66 -5.34
CA GLY A 9 4.72 14.22 -4.59
C GLY A 9 4.36 14.43 -3.13
N GLU A 10 5.37 14.80 -2.33
CA GLU A 10 5.15 15.02 -0.89
C GLU A 10 5.05 16.48 -0.55
N CYS A 11 4.24 16.77 0.47
CA CYS A 11 3.99 18.12 0.94
C CYS A 11 4.44 18.30 2.41
N GLY A 12 3.54 18.72 3.29
CA GLY A 12 3.92 19.09 4.65
C GLY A 12 4.10 17.93 5.61
N ILE A 13 4.69 18.21 6.78
CA ILE A 13 4.80 17.21 7.84
C ILE A 13 3.45 16.89 8.46
N ALA A 14 3.20 15.60 8.66
CA ALA A 14 2.05 15.14 9.40
C ALA A 14 2.41 15.03 10.87
N TYR A 15 3.40 14.18 11.18
CA TYR A 15 3.96 14.06 12.53
C TYR A 15 5.31 13.34 12.43
N GLY A 16 6.17 13.50 13.44
CA GLY A 16 7.49 12.88 13.37
C GLY A 16 8.16 13.30 12.08
N ASP A 17 8.67 12.32 11.35
CA ASP A 17 9.30 12.61 10.05
C ASP A 17 8.36 12.27 8.89
N LYS A 18 7.08 12.11 9.22
CA LYS A 18 6.08 11.62 8.26
C LYS A 18 5.39 12.77 7.53
N ARG A 19 5.05 12.53 6.26
CA ARG A 19 4.58 13.56 5.40
C ARG A 19 3.21 13.23 4.82
N TYR A 20 2.44 14.30 4.58
CA TYR A 20 1.31 14.21 3.68
C TYR A 20 1.78 14.31 2.24
N ASN A 21 0.97 13.78 1.34
CA ASN A 21 1.20 13.99 -0.09
C ASN A 21 0.44 15.23 -0.60
N CYS A 22 0.90 15.80 -1.71
CA CYS A 22 0.31 17.02 -2.27
C CYS A 22 -0.90 16.67 -3.11
N GLU A 23 -1.99 17.39 -2.93
CA GLU A 23 -3.14 17.13 -3.76
C GLU A 23 -2.83 17.45 -5.24
N TYR A 24 -3.32 16.60 -6.14
CA TYR A 24 -3.10 16.78 -7.58
C TYR A 24 -4.12 15.94 -8.32
N SER A 25 -4.86 16.59 -9.22
CA SER A 25 -5.93 15.90 -9.91
C SER A 25 -5.73 15.79 -11.42
N GLY A 26 -4.52 16.01 -11.89
CA GLY A 26 -4.24 15.88 -13.31
C GLY A 26 -3.90 14.44 -13.65
N PRO A 27 -3.43 14.23 -14.89
CA PRO A 27 -3.07 12.91 -15.37
C PRO A 27 -1.76 12.43 -14.73
N PRO A 28 -1.50 11.12 -14.79
CA PRO A 28 -0.24 10.61 -14.25
C PRO A 28 0.93 11.12 -15.09
N LYS A 29 2.12 11.11 -14.51
CA LYS A 29 3.29 11.70 -15.17
C LYS A 29 4.37 10.64 -15.34
N PRO A 30 5.12 10.68 -16.45
CA PRO A 30 6.20 9.75 -16.61
C PRO A 30 7.20 9.89 -15.47
N LEU A 31 7.57 8.76 -14.86
CA LEU A 31 8.52 8.78 -13.75
C LEU A 31 9.91 9.11 -14.27
N PRO A 32 10.66 9.96 -13.54
CA PRO A 32 12.05 10.16 -13.94
C PRO A 32 12.82 8.85 -13.93
N LYS A 33 13.84 8.76 -14.77
CA LYS A 33 14.61 7.56 -14.86
C LYS A 33 15.34 7.24 -13.54
N ASP A 34 15.63 8.27 -12.75
CA ASP A 34 16.30 8.03 -11.47
C ASP A 34 15.48 7.21 -10.47
N GLY A 35 14.18 7.05 -10.73
CA GLY A 35 13.28 6.26 -9.88
C GLY A 35 13.04 4.86 -10.43
N TYR A 36 13.64 4.52 -11.56
CA TYR A 36 13.37 3.21 -12.15
C TYR A 36 13.77 2.05 -11.24
N ASP A 37 14.90 2.15 -10.55
CA ASP A 37 15.33 1.10 -9.60
C ASP A 37 14.26 0.87 -8.51
N LEU A 38 13.71 1.96 -7.98
CA LEU A 38 12.69 1.83 -6.95
C LEU A 38 11.41 1.21 -7.51
N VAL A 39 11.01 1.65 -8.68
CA VAL A 39 9.75 1.17 -9.21
C VAL A 39 9.86 -0.31 -9.59
N GLN A 40 11.02 -0.69 -10.13
CA GLN A 40 11.32 -2.10 -10.35
C GLN A 40 11.26 -2.92 -9.08
N GLU A 41 11.77 -2.37 -7.99
CA GLU A 41 11.87 -3.11 -6.75
C GLU A 41 10.53 -3.28 -6.05
N LEU A 42 9.74 -2.20 -6.07
CA LEU A 42 8.53 -2.14 -5.28
C LEU A 42 7.28 -2.49 -6.07
N CYS A 43 7.21 -2.02 -7.31
CA CYS A 43 5.97 -2.06 -8.07
C CYS A 43 6.28 -2.39 -9.52
N PRO A 44 6.93 -3.54 -9.78
CA PRO A 44 7.37 -3.88 -11.13
C PRO A 44 6.22 -4.00 -12.12
N GLY A 45 5.01 -4.23 -11.60
CA GLY A 45 3.81 -4.29 -12.44
C GLY A 45 3.56 -2.99 -13.19
N PHE A 46 4.06 -1.88 -12.65
CA PHE A 46 3.93 -0.58 -13.29
C PHE A 46 5.11 -0.24 -14.19
N PHE A 47 6.14 -1.09 -14.18
CA PHE A 47 7.37 -0.77 -14.87
C PHE A 47 7.32 -1.14 -16.35
N PHE A 48 6.60 -0.34 -17.13
CA PHE A 48 6.49 -0.53 -18.57
C PHE A 48 6.12 0.80 -19.23
N GLY A 49 6.33 0.89 -20.55
CA GLY A 49 5.96 2.08 -21.31
C GLY A 49 6.64 3.32 -20.77
N GLN A 50 5.88 4.41 -20.68
CA GLN A 50 6.42 5.68 -20.15
C GLN A 50 6.53 5.71 -18.62
N VAL A 51 6.13 4.62 -17.97
CA VAL A 51 6.11 4.56 -16.50
C VAL A 51 5.41 5.80 -15.94
N SER A 52 4.22 6.08 -16.49
CA SER A 52 3.41 7.22 -16.07
C SER A 52 2.65 6.82 -14.83
N LEU A 53 2.90 7.52 -13.72
CA LEU A 53 2.36 7.14 -12.43
C LEU A 53 1.85 8.35 -11.71
N CYS A 54 1.04 8.11 -10.69
CA CYS A 54 0.58 9.19 -9.85
C CYS A 54 1.46 9.31 -8.60
N CYS A 55 2.72 8.92 -8.71
CA CYS A 55 3.71 9.14 -7.65
C CYS A 55 5.05 9.58 -8.25
N ASP A 56 5.79 10.36 -7.46
CA ASP A 56 7.14 10.77 -7.84
C ASP A 56 8.17 9.91 -7.12
N VAL A 57 9.46 10.20 -7.32
CA VAL A 57 10.53 9.38 -6.75
C VAL A 57 10.52 9.46 -5.24
N ARG A 58 10.27 10.67 -4.72
CA ARG A 58 10.20 10.84 -3.28
C ARG A 58 9.18 9.89 -2.62
N GLN A 59 8.00 9.75 -3.22
CA GLN A 59 6.98 8.90 -2.65
C GLN A 59 7.38 7.44 -2.67
N LEU A 60 8.10 7.04 -3.72
CA LEU A 60 8.56 5.66 -3.81
C LEU A 60 9.60 5.38 -2.74
N GLN A 61 10.52 6.32 -2.55
CA GLN A 61 11.51 6.20 -1.49
C GLN A 61 10.84 6.10 -0.12
N THR A 62 9.82 6.92 0.08
CA THR A 62 9.10 6.89 1.34
C THR A 62 8.38 5.53 1.50
N LEU A 63 7.75 5.03 0.43
CA LEU A 63 7.10 3.72 0.49
C LEU A 63 8.11 2.63 0.93
N LYS A 64 9.29 2.62 0.31
CA LYS A 64 10.32 1.65 0.65
C LYS A 64 10.67 1.71 2.14
N ASP A 65 10.95 2.92 2.64
CA ASP A 65 11.25 3.11 4.05
C ASP A 65 10.11 2.64 4.94
N ASN A 66 8.87 2.90 4.54
CA ASN A 66 7.74 2.53 5.38
C ASN A 66 7.39 1.07 5.39
N LEU A 67 7.98 0.30 4.47
CA LEU A 67 7.66 -1.12 4.31
C LEU A 67 8.50 -1.99 5.24
N GLN A 68 9.42 -1.38 5.98
CA GLN A 68 10.32 -2.10 6.86
C GLN A 68 9.64 -2.99 7.91
N LEU A 69 8.54 -2.50 8.51
CA LEU A 69 7.91 -3.31 9.56
C LEU A 69 7.11 -4.48 8.99
N PRO A 70 6.30 -4.24 7.93
CA PRO A 70 5.72 -5.42 7.26
C PRO A 70 6.79 -6.41 6.85
N LEU A 71 7.92 -5.92 6.35
CA LEU A 71 8.99 -6.82 5.96
C LEU A 71 9.49 -7.59 7.17
N GLN A 72 9.62 -6.87 8.29
CA GLN A 72 10.10 -7.46 9.55
C GLN A 72 9.35 -8.75 9.87
N PHE A 73 8.05 -8.77 9.61
CA PHE A 73 7.22 -9.89 10.01
C PHE A 73 6.80 -10.83 8.88
N LEU A 74 6.78 -10.33 7.65
CA LEU A 74 6.22 -11.10 6.51
C LEU A 74 7.22 -11.51 5.42
N SER A 75 8.48 -11.12 5.60
CA SER A 75 9.54 -11.31 4.59
C SER A 75 9.75 -12.76 4.20
N ARG A 76 9.53 -13.67 5.15
CA ARG A 76 9.79 -15.08 4.87
C ARG A 76 8.75 -15.71 3.94
N CYS A 77 7.61 -15.05 3.73
CA CYS A 77 6.59 -15.57 2.80
C CYS A 77 6.37 -14.57 1.68
N PRO A 78 7.12 -14.73 0.58
CA PRO A 78 7.09 -13.71 -0.46
C PRO A 78 5.70 -13.42 -1.05
N SER A 79 4.87 -14.44 -1.21
CA SER A 79 3.51 -14.24 -1.75
C SER A 79 2.67 -13.38 -0.83
N CYS A 80 2.76 -13.62 0.47
CA CYS A 80 2.06 -12.79 1.46
C CYS A 80 2.49 -11.32 1.34
N PHE A 81 3.81 -11.08 1.34
CA PHE A 81 4.31 -9.71 1.24
C PHE A 81 3.99 -9.05 -0.10
N TYR A 82 3.99 -9.84 -1.18
CA TYR A 82 3.70 -9.36 -2.53
C TYR A 82 2.32 -8.67 -2.66
N ASN A 83 1.25 -9.32 -2.17
CA ASN A 83 -0.09 -8.71 -2.26
C ASN A 83 -0.13 -7.45 -1.41
N LEU A 84 0.54 -7.49 -0.27
CA LEU A 84 0.59 -6.29 0.58
C LEU A 84 1.30 -5.16 -0.14
N LEU A 85 2.44 -5.45 -0.76
CA LEU A 85 3.14 -4.41 -1.52
C LEU A 85 2.21 -3.85 -2.59
N ASN A 86 1.42 -4.72 -3.22
CA ASN A 86 0.55 -4.26 -4.30
C ASN A 86 -0.55 -3.35 -3.81
N LEU A 87 -1.09 -3.66 -2.63
CA LEU A 87 -2.08 -2.78 -2.02
C LEU A 87 -1.50 -1.36 -1.88
N PHE A 88 -0.27 -1.29 -1.37
CA PHE A 88 0.38 -0.01 -1.22
C PHE A 88 0.84 0.62 -2.53
N CYS A 89 1.31 -0.18 -3.48
CA CYS A 89 1.72 0.33 -4.81
C CYS A 89 0.54 0.99 -5.53
N GLU A 90 -0.62 0.35 -5.51
CA GLU A 90 -1.80 0.89 -6.19
C GLU A 90 -2.22 2.21 -5.56
N LEU A 91 -2.22 2.24 -4.23
CA LEU A 91 -2.56 3.46 -3.48
C LEU A 91 -1.60 4.57 -3.83
N THR A 92 -0.31 4.24 -3.86
CA THR A 92 0.72 5.25 -3.96
C THR A 92 0.82 5.80 -5.38
N CYS A 93 0.75 4.90 -6.36
CA CYS A 93 1.26 5.19 -7.72
C CYS A 93 0.30 4.97 -8.88
N SER A 94 -0.82 4.29 -8.65
CA SER A 94 -1.63 3.85 -9.81
C SER A 94 -2.02 5.01 -10.69
N PRO A 95 -1.87 4.87 -12.02
CA PRO A 95 -2.29 5.91 -12.93
C PRO A 95 -3.82 6.02 -12.98
N ARG A 96 -4.53 5.09 -12.34
CA ARG A 96 -5.98 5.24 -12.24
C ARG A 96 -6.52 5.43 -10.83
N GLN A 97 -5.71 6.11 -10.00
CA GLN A 97 -6.06 6.39 -8.59
C GLN A 97 -7.45 6.90 -8.41
N SER A 98 -7.88 7.80 -9.30
CA SER A 98 -9.12 8.53 -9.08
C SER A 98 -10.32 7.57 -9.13
N GLN A 99 -10.10 6.38 -9.67
CA GLN A 99 -11.18 5.40 -9.77
C GLN A 99 -11.47 4.80 -8.40
N PHE A 100 -10.45 4.73 -7.55
CA PHE A 100 -10.61 4.04 -6.27
C PHE A 100 -10.16 4.81 -5.04
N LEU A 101 -9.76 6.07 -5.21
CA LEU A 101 -9.39 6.88 -4.06
C LEU A 101 -10.22 8.15 -4.11
N GLN A 102 -10.60 8.63 -2.93
CA GLN A 102 -11.39 9.84 -2.81
C GLN A 102 -10.82 10.65 -1.66
N VAL A 103 -10.28 11.84 -1.95
CA VAL A 103 -9.75 12.70 -0.89
C VAL A 103 -10.91 13.20 -0.05
N THR A 104 -10.77 13.11 1.28
CA THR A 104 -11.83 13.45 2.20
C THR A 104 -11.46 14.62 3.13
N ALA A 105 -10.17 14.94 3.25
CA ALA A 105 -9.74 16.08 4.05
C ALA A 105 -8.44 16.62 3.54
N THR A 106 -8.32 17.94 3.57
CA THR A 106 -7.11 18.63 3.10
C THR A 106 -6.75 19.76 4.03
N GLU A 107 -5.51 20.24 3.91
CA GLU A 107 -5.15 21.52 4.53
C GLU A 107 -4.07 22.19 3.70
N ASP A 108 -3.95 23.50 3.81
CA ASP A 108 -2.99 24.18 2.96
C ASP A 108 -1.54 23.88 3.36
N TYR A 109 -0.67 23.81 2.34
CA TYR A 109 0.77 23.69 2.53
C TYR A 109 1.39 24.97 1.98
N VAL A 110 2.28 25.59 2.74
CA VAL A 110 2.95 26.79 2.23
C VAL A 110 4.44 26.50 2.03
N ASP A 111 4.90 26.61 0.78
CA ASP A 111 6.30 26.51 0.45
C ASP A 111 7.02 27.61 1.21
N PRO A 112 7.96 27.24 2.09
CA PRO A 112 8.63 28.22 2.94
C PRO A 112 9.49 29.28 2.22
N VAL A 113 10.02 28.94 1.04
CA VAL A 113 10.88 29.87 0.26
C VAL A 113 10.10 30.75 -0.73
N THR A 114 9.21 30.13 -1.51
CA THR A 114 8.43 30.86 -2.52
C THR A 114 7.10 31.34 -1.97
N ASN A 115 6.70 30.78 -0.83
CA ASN A 115 5.39 31.04 -0.23
C ASN A 115 4.19 30.71 -1.14
N GLN A 116 4.43 29.88 -2.14
CA GLN A 116 3.33 29.36 -2.97
C GLN A 116 2.57 28.29 -2.18
N THR A 117 1.24 28.37 -2.23
CA THR A 117 0.39 27.45 -1.49
C THR A 117 0.16 26.16 -2.29
N LYS A 118 0.27 25.04 -1.59
CA LYS A 118 -0.22 23.78 -2.11
C LYS A 118 -1.16 23.17 -1.07
N THR A 119 -1.57 21.93 -1.29
CA THR A 119 -2.60 21.35 -0.45
C THR A 119 -2.14 19.98 0.00
N ASN A 120 -2.14 19.74 1.32
CA ASN A 120 -1.86 18.43 1.91
C ASN A 120 -3.09 17.57 1.82
N VAL A 121 -2.93 16.32 1.38
CA VAL A 121 -4.03 15.40 1.47
C VAL A 121 -3.98 14.86 2.88
N LYS A 122 -4.94 15.28 3.70
CA LYS A 122 -4.90 14.87 5.10
C LYS A 122 -5.54 13.51 5.37
N GLU A 123 -6.59 13.18 4.63
CA GLU A 123 -7.23 11.86 4.76
C GLU A 123 -7.84 11.51 3.41
N LEU A 124 -7.89 10.22 3.08
CA LEU A 124 -8.62 9.81 1.90
C LEU A 124 -9.30 8.48 2.12
N GLN A 125 -10.25 8.17 1.25
CA GLN A 125 -10.98 6.90 1.36
C GLN A 125 -10.48 6.01 0.21
N TYR A 126 -10.19 4.74 0.49
CA TYR A 126 -9.60 3.81 -0.48
C TYR A 126 -10.58 2.68 -0.70
N TYR A 127 -11.09 2.57 -1.92
CA TYR A 127 -12.02 1.49 -2.28
C TYR A 127 -11.19 0.26 -2.67
N VAL A 128 -11.21 -0.74 -1.78
CA VAL A 128 -10.41 -1.96 -1.91
C VAL A 128 -11.35 -3.10 -2.21
N GLY A 129 -10.99 -3.92 -3.18
CA GLY A 129 -11.76 -5.10 -3.54
C GLY A 129 -11.91 -6.00 -2.33
N GLN A 130 -13.11 -6.51 -2.15
CA GLN A 130 -13.36 -7.43 -1.08
C GLN A 130 -12.53 -8.70 -1.33
N SER A 131 -12.50 -9.17 -2.57
CA SER A 131 -11.75 -10.38 -2.93
C SER A 131 -10.27 -10.13 -2.75
N PHE A 132 -9.81 -8.95 -3.16
CA PHE A 132 -8.41 -8.57 -2.92
C PHE A 132 -8.05 -8.67 -1.44
N ALA A 133 -8.89 -8.09 -0.58
CA ALA A 133 -8.54 -8.01 0.85
C ALA A 133 -8.50 -9.41 1.46
N ASN A 134 -9.48 -10.23 1.08
CA ASN A 134 -9.59 -11.60 1.61
C ASN A 134 -8.41 -12.42 1.13
N ALA A 135 -8.01 -12.21 -0.12
CA ALA A 135 -6.86 -12.98 -0.67
C ALA A 135 -5.54 -12.56 -0.01
N MET A 136 -5.40 -11.25 0.23
CA MET A 136 -4.21 -10.74 0.94
C MET A 136 -4.11 -11.35 2.34
N TYR A 137 -5.23 -11.39 3.05
CA TYR A 137 -5.22 -11.98 4.39
C TYR A 137 -4.96 -13.47 4.26
N ASN A 138 -5.64 -14.11 3.33
CA ASN A 138 -5.47 -15.57 3.15
C ASN A 138 -4.00 -15.98 2.94
N ALA A 139 -3.29 -15.21 2.12
CA ALA A 139 -1.88 -15.52 1.84
C ALA A 139 -0.97 -15.31 3.07
N CYS A 140 -1.40 -14.48 4.03
CA CYS A 140 -0.56 -14.08 5.20
C CYS A 140 -0.93 -14.72 6.53
N ARG A 141 -2.11 -15.32 6.60
CA ARG A 141 -2.67 -15.69 7.89
C ARG A 141 -1.99 -16.83 8.62
N ASP A 142 -1.19 -17.65 7.92
CA ASP A 142 -0.45 -18.72 8.59
C ASP A 142 1.01 -18.34 8.75
N VAL A 143 1.40 -17.15 8.33
CA VAL A 143 2.82 -16.74 8.43
C VAL A 143 3.19 -16.70 9.92
N GLU A 144 4.28 -17.37 10.29
CA GLU A 144 4.72 -17.33 11.66
C GLU A 144 5.66 -16.15 11.85
N ALA A 145 5.58 -15.50 13.00
CA ALA A 145 6.63 -14.55 13.34
C ALA A 145 7.96 -15.34 13.37
N PRO A 146 9.03 -14.79 12.75
CA PRO A 146 10.34 -15.47 12.70
C PRO A 146 10.78 -16.02 14.07
N SER A 147 11.31 -17.25 14.06
CA SER A 147 11.66 -18.02 15.25
C SER A 147 10.63 -17.96 16.40
N SER A 148 9.35 -18.08 16.04
CA SER A 148 8.24 -18.18 17.00
C SER A 148 7.20 -19.21 16.53
N ASN A 149 6.17 -19.40 17.35
CA ASN A 149 5.00 -20.20 17.01
C ASN A 149 3.72 -19.38 17.16
N ASP A 150 3.85 -18.07 16.97
CA ASP A 150 2.70 -17.19 16.95
C ASP A 150 2.60 -16.69 15.54
N LYS A 151 1.44 -16.17 15.19
CA LYS A 151 1.20 -15.71 13.84
C LYS A 151 1.66 -14.27 13.64
N ALA A 152 2.33 -14.04 12.52
CA ALA A 152 2.87 -12.73 12.17
C ALA A 152 1.82 -11.61 12.17
N LEU A 153 0.60 -11.92 11.74
CA LEU A 153 -0.44 -10.88 11.72
C LEU A 153 -0.75 -10.29 13.08
N GLY A 154 -0.56 -11.06 14.13
CA GLY A 154 -0.68 -10.57 15.51
C GLY A 154 0.26 -9.42 15.87
N LEU A 155 1.24 -9.13 15.01
CA LEU A 155 2.18 -8.03 15.26
C LEU A 155 1.94 -6.86 14.33
N LEU A 156 1.13 -7.07 13.30
CA LEU A 156 0.81 -6.00 12.36
C LEU A 156 -0.66 -5.55 12.37
N CYS A 157 -1.43 -6.01 13.34
CA CYS A 157 -2.87 -5.83 13.32
C CYS A 157 -3.39 -5.03 14.50
N GLY A 158 -2.50 -4.69 15.43
CA GLY A 158 -2.87 -3.92 16.61
C GLY A 158 -3.78 -4.70 17.53
N LYS A 159 -3.67 -6.03 17.46
CA LYS A 159 -4.49 -6.96 18.21
C LYS A 159 -3.90 -8.36 17.98
N ASP A 160 -4.24 -9.30 18.84
CA ASP A 160 -3.75 -10.66 18.68
C ASP A 160 -4.27 -11.32 17.41
N ALA A 161 -3.58 -12.36 16.95
CA ALA A 161 -3.90 -12.97 15.66
C ALA A 161 -5.31 -13.52 15.64
N ASP A 162 -5.82 -13.98 16.79
CA ASP A 162 -7.16 -14.61 16.85
C ASP A 162 -8.30 -13.59 16.71
N ALA A 163 -7.95 -12.31 16.71
CA ALA A 163 -8.92 -11.23 16.55
C ALA A 163 -8.72 -10.56 15.20
N CYS A 164 -7.57 -10.79 14.60
CA CYS A 164 -7.24 -10.16 13.33
C CYS A 164 -8.03 -10.78 12.16
N GLN A 165 -8.69 -9.92 11.38
CA GLN A 165 -9.40 -10.33 10.18
C GLN A 165 -9.00 -9.45 9.01
N ALA A 166 -9.33 -9.85 7.78
CA ALA A 166 -8.85 -9.14 6.60
C ALA A 166 -9.06 -7.65 6.66
N THR A 167 -10.28 -7.23 7.01
CA THR A 167 -10.62 -5.81 6.87
C THR A 167 -10.11 -5.01 8.05
N ASN A 168 -10.05 -5.64 9.24
CA ASN A 168 -9.53 -4.88 10.37
C ASN A 168 -8.02 -4.77 10.34
N TRP A 169 -7.37 -5.71 9.65
CA TRP A 169 -5.93 -5.63 9.40
C TRP A 169 -5.61 -4.43 8.51
N ILE A 170 -6.30 -4.30 7.40
CA ILE A 170 -6.06 -3.23 6.47
C ILE A 170 -6.46 -1.90 7.17
N GLU A 171 -7.61 -1.89 7.85
CA GLU A 171 -8.01 -0.67 8.57
C GLU A 171 -6.91 -0.21 9.58
N TYR A 172 -6.35 -1.15 10.34
CA TYR A 172 -5.29 -0.83 11.28
C TYR A 172 -4.01 -0.27 10.62
N MET A 173 -3.56 -0.92 9.56
CA MET A 173 -2.34 -0.51 8.90
C MET A 173 -2.48 0.87 8.33
N PHE A 174 -3.71 1.21 7.92
CA PHE A 174 -3.99 2.50 7.33
C PHE A 174 -4.32 3.61 8.33
N ASN A 175 -4.22 3.33 9.63
CA ASN A 175 -4.65 4.26 10.67
C ASN A 175 -3.41 4.94 11.26
N LYS A 176 -3.28 6.26 11.13
CA LYS A 176 -2.05 6.93 11.55
C LYS A 176 -1.85 6.76 13.05
N ASP A 177 -2.90 6.38 13.77
CA ASP A 177 -2.77 6.18 15.20
C ASP A 177 -1.79 5.03 15.50
N ASN A 178 -1.44 4.25 14.46
CA ASN A 178 -0.47 3.14 14.62
C ASN A 178 0.99 3.60 14.69
N GLY A 179 1.23 4.90 14.49
CA GLY A 179 2.56 5.47 14.65
C GLY A 179 3.47 5.27 13.45
N GLN A 180 2.96 4.57 12.44
CA GLN A 180 3.75 4.24 11.24
C GLN A 180 3.18 4.92 9.99
N ALA A 181 1.88 4.79 9.84
CA ALA A 181 1.18 5.45 8.75
C ALA A 181 1.26 6.95 8.95
N PRO A 182 1.68 7.68 7.92
CA PRO A 182 1.81 9.13 8.08
C PRO A 182 0.48 9.85 8.15
N PHE A 183 -0.57 9.23 7.58
CA PHE A 183 -1.91 9.83 7.53
C PHE A 183 -2.93 8.71 7.40
N THR A 184 -4.16 8.99 7.77
CA THR A 184 -5.16 7.91 7.81
C THR A 184 -5.82 7.73 6.46
N ILE A 185 -5.98 6.48 6.06
CA ILE A 185 -6.71 6.11 4.87
C ILE A 185 -7.87 5.29 5.41
N THR A 186 -9.09 5.65 5.01
CA THR A 186 -10.25 4.91 5.46
C THR A 186 -10.64 3.93 4.34
N PRO A 187 -10.54 2.62 4.60
CA PRO A 187 -10.86 1.64 3.55
C PRO A 187 -12.37 1.30 3.45
N VAL A 188 -12.82 1.09 2.22
CA VAL A 188 -14.18 0.64 1.93
C VAL A 188 -14.01 -0.62 1.11
N PHE A 189 -14.60 -1.74 1.54
CA PHE A 189 -14.35 -3.04 0.89
C PHE A 189 -15.56 -3.47 0.08
N SER A 190 -15.36 -3.72 -1.20
CA SER A 190 -16.46 -4.08 -2.07
C SER A 190 -15.93 -4.73 -3.32
N ASP A 191 -16.60 -5.76 -3.79
CA ASP A 191 -16.28 -6.33 -5.11
C ASP A 191 -17.08 -5.67 -6.22
N PHE A 192 -17.86 -4.65 -5.87
CA PHE A 192 -18.77 -4.00 -6.81
C PHE A 192 -18.49 -2.52 -6.83
N PRO A 193 -18.74 -1.84 -7.96
CA PRO A 193 -18.56 -0.38 -7.85
C PRO A 193 -19.45 0.24 -6.78
N VAL A 194 -19.04 1.41 -6.30
CA VAL A 194 -19.74 2.12 -5.23
C VAL A 194 -19.85 3.55 -5.66
N HIS A 195 -21.06 3.99 -6.00
CA HIS A 195 -21.28 5.37 -6.46
C HIS A 195 -20.23 5.76 -7.52
N GLY A 196 -20.02 4.88 -8.49
CA GLY A 196 -19.11 5.20 -9.59
C GLY A 196 -17.63 4.96 -9.31
N MET A 197 -17.26 4.64 -8.06
CA MET A 197 -15.89 4.22 -7.76
C MET A 197 -15.70 2.74 -8.06
N GLU A 198 -14.60 2.40 -8.69
CA GLU A 198 -14.33 1.04 -9.07
C GLU A 198 -13.24 0.51 -8.16
N PRO A 199 -13.57 -0.40 -7.23
CA PRO A 199 -12.57 -0.82 -6.26
C PRO A 199 -11.34 -1.47 -6.87
N MET A 200 -10.21 -1.28 -6.22
CA MET A 200 -8.94 -1.88 -6.58
C MET A 200 -9.05 -3.38 -6.33
N ASN A 201 -9.01 -4.17 -7.40
CA ASN A 201 -9.19 -5.62 -7.27
C ASN A 201 -8.14 -6.36 -8.11
N ASN A 202 -6.88 -5.92 -7.96
CA ASN A 202 -5.77 -6.57 -8.60
C ASN A 202 -5.70 -8.07 -8.33
N ALA A 203 -5.12 -8.80 -9.27
CA ALA A 203 -4.86 -10.21 -9.11
C ALA A 203 -3.92 -10.39 -7.93
N THR A 204 -4.08 -11.49 -7.23
CA THR A 204 -3.24 -11.79 -6.06
C THR A 204 -2.58 -13.16 -6.20
N LYS A 205 -1.57 -13.42 -5.37
CA LYS A 205 -0.88 -14.71 -5.37
C LYS A 205 -1.09 -15.40 -4.02
N GLY A 206 -1.44 -16.68 -4.03
CA GLY A 206 -1.57 -17.41 -2.77
C GLY A 206 -0.20 -17.73 -2.21
N CYS A 207 -0.13 -18.15 -0.94
CA CYS A 207 1.17 -18.49 -0.35
C CYS A 207 1.75 -19.79 -0.93
N ASP A 208 0.93 -20.53 -1.65
CA ASP A 208 1.38 -21.76 -2.33
C ASP A 208 1.91 -21.52 -3.75
N GLU A 209 1.90 -20.26 -4.18
CA GLU A 209 2.29 -19.89 -5.53
C GLU A 209 3.60 -19.13 -5.49
N SER A 210 4.37 -19.25 -6.56
CA SER A 210 5.58 -18.47 -6.74
C SER A 210 5.20 -17.09 -7.21
N VAL A 211 5.82 -16.07 -6.64
CA VAL A 211 5.57 -14.71 -7.11
C VAL A 211 6.10 -14.57 -8.55
N ASP A 212 7.31 -15.07 -8.79
CA ASP A 212 7.93 -15.02 -10.11
C ASP A 212 8.90 -16.18 -10.27
N GLU A 213 9.63 -16.18 -11.38
CA GLU A 213 10.52 -17.28 -11.73
C GLU A 213 11.65 -17.51 -10.72
N VAL A 214 12.02 -16.46 -9.99
CA VAL A 214 13.17 -16.51 -9.08
C VAL A 214 12.76 -16.51 -7.61
N THR A 215 11.46 -16.65 -7.36
CA THR A 215 10.93 -16.64 -5.99
C THR A 215 10.06 -17.87 -5.75
N ALA A 216 10.45 -18.69 -4.78
CA ALA A 216 9.69 -19.88 -4.44
C ALA A 216 8.41 -19.55 -3.66
N PRO A 217 7.44 -20.50 -3.62
CA PRO A 217 6.31 -20.38 -2.70
C PRO A 217 6.77 -20.40 -1.24
N CYS A 218 5.87 -20.04 -0.31
CA CYS A 218 6.19 -20.04 1.11
C CYS A 218 6.29 -21.47 1.65
N SER A 219 6.99 -21.61 2.78
CA SER A 219 7.21 -22.90 3.41
C SER A 219 5.93 -23.39 4.06
N CYS A 220 5.91 -24.66 4.44
CA CYS A 220 4.77 -25.28 5.08
C CYS A 220 4.49 -24.64 6.45
N GLN A 221 5.56 -24.25 7.13
CA GLN A 221 5.46 -23.57 8.41
C GLN A 221 4.65 -22.25 8.32
N ASP A 222 4.73 -21.58 7.17
CA ASP A 222 4.08 -20.27 6.98
C ASP A 222 2.81 -20.33 6.13
N CYS A 223 2.45 -21.52 5.68
CA CYS A 223 1.45 -21.69 4.64
C CYS A 223 0.92 -23.12 4.65
N SER A 224 -0.19 -23.35 5.35
CA SER A 224 -0.63 -24.74 5.56
C SER A 224 -1.03 -25.48 4.27
N ILE A 225 -1.27 -24.73 3.18
CA ILE A 225 -1.55 -25.36 1.87
C ILE A 225 -0.39 -26.21 1.33
N VAL A 226 0.84 -25.74 1.49
CA VAL A 226 2.01 -26.43 0.91
C VAL A 226 2.50 -27.63 1.72
N CYS A 227 1.87 -27.88 2.87
CA CYS A 227 2.28 -28.99 3.75
C CYS A 227 1.95 -30.36 3.19
#